data_9GCW
#
_entry.id   9GCW
#
_cell.length_a   73.617
_cell.length_b   73.617
_cell.length_c   131.415
_cell.angle_alpha   90.000
_cell.angle_beta   90.000
_cell.angle_gamma   90.000
#
_symmetry.space_group_name_H-M   'P 43 21 2'
#
loop_
_entity.id
_entity.type
_entity.pdbx_description
1 polymer 'Casein kinase II subunit alpha'
2 non-polymer '5-[[8-(oxidanylamino)-8-oxidanylidene-octyl]amino]benzo[c][2,6]naphthyridine-8-carboxylic acid'
3 non-polymer 'CHLORIDE ION'
4 water water
#
_entity_poly.entity_id   1
_entity_poly.type   'polypeptide(L)'
_entity_poly.pdbx_seq_one_letter_code
;MGSSHHHHHHSQDPMSGPVPSRARVYTDVNTHRPREYWDYESHVVEWGNQDDYQLVRKLGRGKYSEVFEAINITNNEKVV
VKILKPVKKKKIKREIKILENLRGGPNIITLADIVKDPVSRTPALVFEHVNNTDFKQLYQTLTDYDIRFYMYEILKALDY
CHSMGIMHRDVKPHNVMIDHEHRKLRLIDWGLAEFYHPGQEYNVRVASRYFKGPELLVDYQMYDYSLDMWSLGCMLASMI
FRKEPFFHGHDNYDQLVRIAKVLGTEDLYDYIDKYNIELDPRFNDILGRHSRKRWERFVHSENQHLVSPEALDFLDKLLR
YDHQSRLTAREAMEHPYFYTVVKDQARMG
;
_entity_poly.pdbx_strand_id   A
#
loop_
_chem_comp.id
_chem_comp.type
_chem_comp.name
_chem_comp.formula
A1IKB non-polymer '5-[[8-(oxidanylamino)-8-oxidanylidene-octyl]amino]benzo[c][2,6]naphthyridine-8-carboxylic acid' 'C21 H24 N4 O4'
CL non-polymer 'CHLORIDE ION' 'Cl -1'
#
# COMPACT_ATOMS: atom_id res chain seq x y z
N SER A 16 -25.95 9.05 -18.89
CA SER A 16 -25.60 8.63 -17.53
C SER A 16 -24.09 8.39 -17.42
N GLY A 17 -23.61 8.25 -16.18
CA GLY A 17 -22.22 7.98 -15.92
C GLY A 17 -22.03 6.86 -14.92
N PRO A 18 -20.80 6.68 -14.44
CA PRO A 18 -20.56 5.67 -13.41
C PRO A 18 -21.34 5.97 -12.14
N VAL A 19 -21.78 4.91 -11.49
CA VAL A 19 -22.54 5.04 -10.24
C VAL A 19 -21.60 5.51 -9.13
N PRO A 20 -22.05 6.39 -8.23
CA PRO A 20 -21.18 6.83 -7.13
C PRO A 20 -20.93 5.72 -6.11
N SER A 21 -19.88 5.94 -5.32
CA SER A 21 -19.48 5.01 -4.27
C SER A 21 -18.99 5.82 -3.07
N ARG A 22 -19.06 5.21 -1.89
CA ARG A 22 -18.56 5.83 -0.66
C ARG A 22 -17.82 4.78 0.16
N ALA A 23 -16.77 5.20 0.86
CA ALA A 23 -16.09 4.30 1.79
C ALA A 23 -17.07 3.77 2.83
N ARG A 24 -17.05 2.44 2.98
CA ARG A 24 -17.87 1.76 3.99
C ARG A 24 -17.46 2.11 5.41
N VAL A 25 -16.19 2.46 5.63
CA VAL A 25 -15.66 2.77 6.95
C VAL A 25 -14.88 4.08 6.86
N TYR A 26 -14.85 4.82 7.97
CA TYR A 26 -14.04 6.04 8.08
C TYR A 26 -14.42 7.08 7.02
N THR A 27 -15.70 7.10 6.64
CA THR A 27 -16.12 7.86 5.46
C THR A 27 -15.86 9.35 5.64
N ASP A 28 -16.14 9.89 6.83
CA ASP A 28 -16.23 11.32 7.05
C ASP A 28 -15.13 11.84 7.97
N VAL A 29 -14.07 11.05 8.16
CA VAL A 29 -13.04 11.38 9.14
C VAL A 29 -12.44 12.75 8.86
N ASN A 30 -12.12 13.04 7.60
CA ASN A 30 -11.52 14.34 7.29
C ASN A 30 -12.53 15.47 7.42
N THR A 31 -13.79 15.23 7.09
CA THR A 31 -14.81 16.28 7.22
C THR A 31 -14.89 16.79 8.66
N HIS A 32 -14.76 15.88 9.63
CA HIS A 32 -14.91 16.24 11.03
C HIS A 32 -13.69 16.97 11.60
N ARG A 33 -12.56 16.91 10.93
CA ARG A 33 -11.35 17.59 11.38
C ARG A 33 -11.34 19.02 10.88
N PRO A 34 -10.52 19.89 11.45
CA PRO A 34 -10.39 21.25 10.88
C PRO A 34 -9.67 21.19 9.55
N ARG A 35 -9.95 22.17 8.69
CA ARG A 35 -9.49 22.07 7.30
C ARG A 35 -7.98 22.04 7.21
N GLU A 36 -7.26 22.64 8.16
CA GLU A 36 -5.81 22.59 8.12
C GLU A 36 -5.26 21.17 8.18
N TYR A 37 -6.05 20.20 8.65
CA TYR A 37 -5.58 18.82 8.69
C TYR A 37 -5.35 18.25 7.29
N TRP A 38 -6.29 18.48 6.37
CA TRP A 38 -6.22 17.88 5.05
C TRP A 38 -5.92 18.85 3.93
N ASP A 39 -6.01 20.17 4.17
CA ASP A 39 -5.70 21.15 3.12
C ASP A 39 -4.19 21.33 3.07
N TYR A 40 -3.52 20.32 2.49
CA TYR A 40 -2.06 20.32 2.47
C TYR A 40 -1.49 21.48 1.66
N GLU A 41 -2.22 21.96 0.65
CA GLU A 41 -1.72 23.06 -0.17
C GLU A 41 -1.51 24.31 0.66
N SER A 42 -2.23 24.46 1.76
CA SER A 42 -2.09 25.61 2.64
C SER A 42 -1.07 25.37 3.76
N HIS A 43 -0.46 24.19 3.80
CA HIS A 43 0.53 23.88 4.83
C HIS A 43 1.76 24.76 4.66
N VAL A 44 2.26 25.29 5.77
CA VAL A 44 3.54 25.99 5.80
C VAL A 44 4.57 25.05 6.40
N VAL A 45 5.64 24.78 5.64
CA VAL A 45 6.64 23.81 6.07
C VAL A 45 7.54 24.44 7.13
N GLU A 46 7.78 23.71 8.21
CA GLU A 46 8.78 24.12 9.20
C GLU A 46 10.10 23.45 8.83
N TRP A 47 11.04 24.24 8.31
CA TRP A 47 12.30 23.72 7.81
C TRP A 47 13.30 23.62 8.95
N GLY A 48 13.98 22.49 9.03
CA GLY A 48 15.04 22.28 10.00
C GLY A 48 16.39 22.74 9.48
N ASN A 49 17.44 22.30 10.17
CA ASN A 49 18.81 22.75 9.91
C ASN A 49 19.53 21.71 9.05
N GLN A 50 19.76 22.05 7.79
CA GLN A 50 20.41 21.10 6.87
C GLN A 50 21.82 20.76 7.34
N ASP A 51 22.47 21.68 8.05
CA ASP A 51 23.83 21.42 8.55
C ASP A 51 23.84 20.34 9.62
N ASP A 52 22.70 20.06 10.26
CA ASP A 52 22.66 18.99 11.25
C ASP A 52 22.93 17.62 10.63
N TYR A 53 22.80 17.50 9.31
CA TYR A 53 22.85 16.20 8.65
C TYR A 53 23.98 16.16 7.62
N GLN A 54 24.64 15.02 7.54
CA GLN A 54 25.71 14.80 6.59
C GLN A 54 25.47 13.45 5.93
N LEU A 55 25.47 13.46 4.60
CA LEU A 55 25.17 12.23 3.86
C LEU A 55 26.34 11.27 3.97
N VAL A 56 26.03 10.01 4.29
CA VAL A 56 27.05 8.98 4.41
C VAL A 56 27.19 8.19 3.11
N ARG A 57 26.07 7.68 2.58
CA ARG A 57 26.18 6.88 1.36
C ARG A 57 24.80 6.72 0.74
N LYS A 58 24.79 6.33 -0.53
CA LYS A 58 23.56 6.21 -1.31
C LYS A 58 22.91 4.86 -1.03
N LEU A 59 21.60 4.87 -0.76
CA LEU A 59 20.88 3.62 -0.52
C LEU A 59 19.95 3.22 -1.64
N GLY A 60 19.55 4.15 -2.49
CA GLY A 60 18.62 3.85 -3.56
C GLY A 60 18.28 5.10 -4.33
N ARG A 61 17.89 4.87 -5.59
CA ARG A 61 17.58 5.94 -6.52
C ARG A 61 16.30 5.56 -7.25
N GLY A 62 15.17 5.64 -6.54
CA GLY A 62 13.89 5.31 -7.12
C GLY A 62 13.36 6.37 -8.07
N LYS A 63 12.07 6.33 -8.38
CA LYS A 63 11.47 7.35 -9.23
C LYS A 63 11.27 8.64 -8.45
N TYR A 64 11.73 9.75 -9.02
CA TYR A 64 11.49 11.11 -8.52
C TYR A 64 12.04 11.33 -7.10
N SER A 65 13.01 10.52 -6.69
CA SER A 65 13.56 10.64 -5.34
C SER A 65 14.89 9.92 -5.27
N GLU A 66 15.77 10.41 -4.39
CA GLU A 66 17.03 9.73 -4.12
C GLU A 66 17.13 9.49 -2.61
N VAL A 67 17.63 8.31 -2.20
CA VAL A 67 17.63 7.94 -0.79
C VAL A 67 19.06 7.67 -0.32
N PHE A 68 19.45 8.31 0.77
CA PHE A 68 20.79 8.21 1.34
C PHE A 68 20.72 7.80 2.80
N GLU A 69 21.72 7.04 3.26
CA GLU A 69 22.02 6.95 4.67
C GLU A 69 22.82 8.18 5.09
N ALA A 70 22.43 8.77 6.22
CA ALA A 70 23.00 10.02 6.69
C ALA A 70 23.23 9.92 8.19
N ILE A 71 23.87 10.95 8.74
CA ILE A 71 24.16 11.02 10.16
C ILE A 71 23.67 12.38 10.68
N ASN A 72 22.94 12.35 11.80
CA ASN A 72 22.63 13.57 12.56
C ASN A 72 23.74 13.77 13.57
N ILE A 73 24.54 14.81 13.34
CA ILE A 73 25.75 15.05 14.11
C ILE A 73 25.48 15.73 15.45
N THR A 74 24.27 16.24 15.68
CA THR A 74 23.96 16.79 16.99
C THR A 74 23.70 15.70 18.03
N ASN A 75 23.36 14.49 17.60
CA ASN A 75 23.23 13.35 18.49
C ASN A 75 23.92 12.10 17.98
N ASN A 76 24.59 12.17 16.83
CA ASN A 76 25.24 11.01 16.22
C ASN A 76 24.25 9.88 16.00
N GLU A 77 23.06 10.23 15.50
CA GLU A 77 22.05 9.25 15.19
C GLU A 77 22.07 8.96 13.70
N LYS A 78 22.15 7.69 13.34
CA LYS A 78 21.97 7.28 11.95
C LYS A 78 20.52 7.55 11.51
N VAL A 79 20.35 8.22 10.37
CA VAL A 79 19.03 8.54 9.82
C VAL A 79 19.05 8.28 8.31
N VAL A 80 17.89 8.47 7.68
CA VAL A 80 17.77 8.30 6.23
C VAL A 80 17.23 9.59 5.62
N VAL A 81 17.84 10.03 4.52
CA VAL A 81 17.46 11.27 3.87
C VAL A 81 16.93 10.94 2.48
N LYS A 82 15.73 11.43 2.18
CA LYS A 82 15.12 11.24 0.86
C LYS A 82 14.98 12.61 0.21
N ILE A 83 15.70 12.82 -0.89
CA ILE A 83 15.64 14.09 -1.63
C ILE A 83 14.51 13.99 -2.65
N LEU A 84 13.51 14.86 -2.48
CA LEU A 84 12.25 14.81 -3.23
C LEU A 84 12.42 15.57 -4.53
N LYS A 85 12.16 14.90 -5.65
CA LYS A 85 12.17 15.55 -6.97
C LYS A 85 10.95 15.11 -7.79
N PRO A 86 9.73 15.35 -7.31
CA PRO A 86 8.56 15.04 -8.13
C PRO A 86 8.37 16.08 -9.22
N VAL A 87 7.73 15.65 -10.31
CA VAL A 87 7.33 16.59 -11.35
C VAL A 87 6.21 17.48 -10.85
N LYS A 88 5.20 16.87 -10.22
CA LYS A 88 4.07 17.60 -9.66
C LYS A 88 4.46 18.09 -8.25
N LYS A 89 4.81 19.37 -8.14
CA LYS A 89 5.34 19.91 -6.90
C LYS A 89 4.35 19.85 -5.75
N LYS A 90 3.04 19.82 -6.05
CA LYS A 90 2.04 19.73 -5.00
C LYS A 90 2.22 18.48 -4.14
N LYS A 91 2.92 17.46 -4.65
CA LYS A 91 3.09 16.26 -3.85
C LYS A 91 4.10 16.44 -2.73
N ILE A 92 4.87 17.52 -2.72
CA ILE A 92 5.83 17.73 -1.64
C ILE A 92 5.06 17.96 -0.35
N LYS A 93 4.29 19.06 -0.30
CA LYS A 93 3.49 19.34 0.89
C LYS A 93 2.57 18.18 1.24
N ARG A 94 1.94 17.57 0.24
CA ARG A 94 1.10 16.41 0.50
C ARG A 94 1.85 15.37 1.32
N GLU A 95 3.00 14.91 0.81
CA GLU A 95 3.71 13.87 1.54
C GLU A 95 4.07 14.37 2.92
N ILE A 96 4.53 15.62 2.99
CA ILE A 96 4.92 16.17 4.28
C ILE A 96 3.72 16.16 5.22
N LYS A 97 2.59 16.68 4.75
CA LYS A 97 1.47 16.80 5.66
C LYS A 97 1.01 15.42 6.12
N ILE A 98 1.00 14.45 5.21
CA ILE A 98 0.53 13.13 5.60
C ILE A 98 1.49 12.52 6.61
N LEU A 99 2.81 12.66 6.35
CA LEU A 99 3.77 12.12 7.32
C LEU A 99 3.61 12.78 8.68
N GLU A 100 3.27 14.07 8.70
CA GLU A 100 3.16 14.69 10.01
C GLU A 100 1.87 14.27 10.70
N ASN A 101 0.80 14.03 9.93
CA ASN A 101 -0.46 13.66 10.56
C ASN A 101 -0.40 12.26 11.16
N LEU A 102 0.33 11.36 10.52
CA LEU A 102 0.43 9.96 10.94
C LEU A 102 1.59 9.71 11.90
N ARG A 103 2.36 10.73 12.24
CA ARG A 103 3.57 10.52 13.02
C ARG A 103 3.25 9.92 14.38
N GLY A 104 4.00 8.89 14.76
CA GLY A 104 3.76 8.20 16.01
C GLY A 104 2.77 7.07 15.94
N GLY A 105 2.10 6.88 14.80
CA GLY A 105 1.16 5.81 14.63
C GLY A 105 1.85 4.46 14.52
N PRO A 106 1.12 3.38 14.82
CA PRO A 106 1.73 2.04 14.79
C PRO A 106 2.30 1.71 13.42
N ASN A 107 3.61 1.43 13.39
CA ASN A 107 4.31 0.90 12.23
C ASN A 107 4.35 1.89 11.07
N ILE A 108 4.16 3.19 11.35
CA ILE A 108 4.33 4.24 10.36
C ILE A 108 5.76 4.78 10.47
N ILE A 109 6.43 4.94 9.33
CA ILE A 109 7.78 5.48 9.35
C ILE A 109 7.75 6.89 9.94
N THR A 110 8.74 7.20 10.76
CA THR A 110 8.78 8.46 11.49
C THR A 110 9.55 9.50 10.71
N LEU A 111 8.87 10.59 10.33
CA LEU A 111 9.55 11.76 9.77
C LEU A 111 10.19 12.53 10.92
N ALA A 112 11.52 12.57 10.96
CA ALA A 112 12.27 13.27 11.98
C ALA A 112 12.56 14.73 11.65
N ASP A 113 12.65 15.10 10.36
CA ASP A 113 13.02 16.46 10.01
C ASP A 113 12.75 16.70 8.54
N ILE A 114 12.68 17.97 8.17
CA ILE A 114 12.57 18.42 6.78
C ILE A 114 13.59 19.53 6.61
N VAL A 115 14.43 19.44 5.57
CA VAL A 115 15.46 20.43 5.31
C VAL A 115 15.51 20.71 3.81
N LYS A 116 16.21 21.77 3.46
CA LYS A 116 16.47 22.13 2.07
C LYS A 116 17.86 21.64 1.69
N ASP A 117 17.93 20.78 0.69
CA ASP A 117 19.19 20.28 0.18
C ASP A 117 20.06 21.46 -0.25
N PRO A 118 21.25 21.62 0.32
CA PRO A 118 22.04 22.83 0.06
C PRO A 118 22.51 22.97 -1.37
N VAL A 119 22.45 21.90 -2.17
CA VAL A 119 22.87 21.94 -3.56
C VAL A 119 21.85 22.72 -4.38
N SER A 120 20.67 22.13 -4.56
CA SER A 120 19.65 22.67 -5.46
C SER A 120 18.50 23.36 -4.73
N ARG A 121 18.57 23.47 -3.41
CA ARG A 121 17.50 24.01 -2.58
C ARG A 121 16.22 23.18 -2.65
N THR A 122 16.33 21.91 -3.10
CA THR A 122 15.19 21.00 -3.17
C THR A 122 14.90 20.42 -1.78
N PRO A 123 13.64 20.09 -1.49
CA PRO A 123 13.32 19.54 -0.16
C PRO A 123 13.88 18.12 0.03
N ALA A 124 14.30 17.86 1.25
CA ALA A 124 14.78 16.55 1.67
C ALA A 124 14.11 16.18 2.98
N LEU A 125 13.50 15.00 3.01
CA LEU A 125 12.91 14.47 4.22
C LEU A 125 13.92 13.64 4.99
N VAL A 126 13.97 13.82 6.30
CA VAL A 126 14.81 13.03 7.18
C VAL A 126 13.91 12.06 7.94
N PHE A 127 14.22 10.76 7.85
CA PHE A 127 13.45 9.67 8.42
C PHE A 127 14.28 8.91 9.46
N GLU A 128 13.57 8.22 10.34
CA GLU A 128 14.17 7.21 11.19
C GLU A 128 14.81 6.12 10.35
N HIS A 129 15.96 5.63 10.78
CA HIS A 129 16.63 4.52 10.13
C HIS A 129 16.07 3.20 10.65
N VAL A 130 15.76 2.27 9.74
CA VAL A 130 15.30 0.92 10.05
C VAL A 130 16.31 -0.07 9.50
N ASN A 131 16.57 -1.15 10.26
CA ASN A 131 17.53 -2.17 9.85
C ASN A 131 16.86 -3.13 8.87
N ASN A 132 16.89 -2.77 7.59
CA ASN A 132 16.08 -3.45 6.58
C ASN A 132 16.69 -4.76 6.11
N THR A 133 15.82 -5.71 5.75
CA THR A 133 16.17 -6.96 5.07
C THR A 133 15.30 -7.09 3.83
N ASP A 134 15.93 -7.29 2.66
CA ASP A 134 15.21 -7.26 1.40
C ASP A 134 14.24 -8.45 1.28
N PHE A 135 13.10 -8.20 0.62
N PHE A 135 13.08 -8.19 0.66
CA PHE A 135 12.05 -9.21 0.57
CA PHE A 135 12.05 -9.22 0.56
C PHE A 135 12.42 -10.38 -0.35
C PHE A 135 12.51 -10.39 -0.29
N LYS A 136 13.17 -10.12 -1.42
CA LYS A 136 13.64 -11.21 -2.27
C LYS A 136 14.64 -12.13 -1.57
N GLN A 137 15.18 -11.70 -0.43
CA GLN A 137 15.97 -12.56 0.45
C GLN A 137 15.18 -13.05 1.66
N LEU A 138 14.03 -12.45 1.95
CA LEU A 138 13.30 -12.70 3.19
C LEU A 138 12.09 -13.61 3.03
N TYR A 139 11.29 -13.42 1.99
N TYR A 139 11.26 -13.42 2.00
CA TYR A 139 10.08 -14.22 1.79
CA TYR A 139 10.07 -14.26 1.87
C TYR A 139 10.38 -15.67 1.45
C TYR A 139 10.40 -15.72 1.59
N GLN A 140 11.64 -16.02 1.23
CA GLN A 140 12.01 -17.42 1.03
C GLN A 140 12.15 -18.15 2.37
N THR A 141 12.51 -17.43 3.43
CA THR A 141 12.76 -18.03 4.74
C THR A 141 11.62 -17.81 5.73
N LEU A 142 10.51 -17.22 5.31
CA LEU A 142 9.42 -16.97 6.23
C LEU A 142 8.64 -18.25 6.51
N THR A 143 8.34 -18.47 7.78
CA THR A 143 7.44 -19.54 8.20
C THR A 143 5.99 -19.06 8.08
N ASP A 144 5.07 -20.02 8.20
CA ASP A 144 3.64 -19.71 8.28
C ASP A 144 3.37 -18.63 9.33
N TYR A 145 3.90 -18.84 10.55
CA TYR A 145 3.66 -17.91 11.63
C TYR A 145 4.23 -16.52 11.31
N ASP A 146 5.42 -16.46 10.73
CA ASP A 146 6.00 -15.16 10.35
C ASP A 146 5.11 -14.41 9.36
N ILE A 147 4.59 -15.11 8.33
CA ILE A 147 3.72 -14.43 7.37
C ILE A 147 2.51 -13.84 8.08
N ARG A 148 1.89 -14.63 8.97
CA ARG A 148 0.74 -14.10 9.73
C ARG A 148 1.14 -12.89 10.58
N PHE A 149 2.26 -13.00 11.30
CA PHE A 149 2.67 -11.92 12.19
C PHE A 149 2.92 -10.62 11.42
N TYR A 150 3.66 -10.69 10.31
CA TYR A 150 3.94 -9.46 9.59
C TYR A 150 2.72 -8.92 8.86
N MET A 151 1.84 -9.79 8.37
CA MET A 151 0.59 -9.30 7.80
C MET A 151 -0.20 -8.51 8.84
N TYR A 152 -0.25 -9.01 10.07
CA TYR A 152 -0.95 -8.28 11.14
C TYR A 152 -0.29 -6.91 11.39
N GLU A 153 1.05 -6.85 11.39
CA GLU A 153 1.70 -5.55 11.56
C GLU A 153 1.33 -4.58 10.43
N ILE A 154 1.32 -5.06 9.19
CA ILE A 154 0.92 -4.20 8.08
C ILE A 154 -0.50 -3.72 8.29
N LEU A 155 -1.39 -4.62 8.73
CA LEU A 155 -2.78 -4.28 8.97
C LEU A 155 -2.92 -3.19 10.02
N LYS A 156 -2.07 -3.25 11.06
CA LYS A 156 -2.09 -2.18 12.07
C LYS A 156 -1.80 -0.83 11.44
N ALA A 157 -0.76 -0.78 10.61
CA ALA A 157 -0.45 0.48 9.92
C ALA A 157 -1.62 0.93 9.04
N LEU A 158 -2.27 -0.01 8.35
CA LEU A 158 -3.31 0.38 7.40
C LEU A 158 -4.59 0.80 8.11
N ASP A 159 -4.98 0.09 9.16
CA ASP A 159 -6.12 0.56 9.93
C ASP A 159 -5.83 1.93 10.52
N TYR A 160 -4.58 2.17 10.95
CA TYR A 160 -4.31 3.47 11.51
C TYR A 160 -4.42 4.57 10.46
N CYS A 161 -3.71 4.42 9.34
CA CYS A 161 -3.75 5.52 8.36
C CYS A 161 -5.15 5.70 7.79
N HIS A 162 -5.91 4.61 7.57
CA HIS A 162 -7.31 4.77 7.15
C HIS A 162 -8.13 5.50 8.20
N SER A 163 -7.98 5.14 9.48
CA SER A 163 -8.73 5.81 10.54
C SER A 163 -8.37 7.29 10.63
N MET A 164 -7.20 7.66 10.12
CA MET A 164 -6.75 9.04 10.08
C MET A 164 -7.09 9.71 8.75
N GLY A 165 -7.93 9.09 7.93
CA GLY A 165 -8.41 9.69 6.70
C GLY A 165 -7.50 9.57 5.50
N ILE A 166 -6.54 8.64 5.50
CA ILE A 166 -5.48 8.62 4.50
C ILE A 166 -5.46 7.25 3.84
N MET A 167 -5.37 7.22 2.51
CA MET A 167 -5.10 5.97 1.78
C MET A 167 -3.69 6.00 1.22
N HIS A 168 -2.98 4.87 1.38
CA HIS A 168 -1.57 4.82 1.04
C HIS A 168 -1.36 4.75 -0.46
N ARG A 169 -2.09 3.85 -1.14
CA ARG A 169 -2.21 3.74 -2.58
C ARG A 169 -0.97 3.14 -3.25
N ASP A 170 -0.01 2.63 -2.49
CA ASP A 170 1.22 2.10 -3.09
C ASP A 170 1.78 0.99 -2.21
N VAL A 171 0.90 0.20 -1.60
CA VAL A 171 1.33 -0.94 -0.79
C VAL A 171 1.91 -2.01 -1.70
N LYS A 172 3.15 -2.42 -1.43
CA LYS A 172 3.89 -3.41 -2.19
C LYS A 172 5.10 -3.82 -1.35
N PRO A 173 5.74 -4.95 -1.67
CA PRO A 173 6.88 -5.40 -0.85
C PRO A 173 7.95 -4.35 -0.61
N HIS A 174 8.33 -3.57 -1.62
CA HIS A 174 9.43 -2.63 -1.44
C HIS A 174 9.07 -1.51 -0.47
N ASN A 175 7.79 -1.28 -0.20
CA ASN A 175 7.38 -0.21 0.71
C ASN A 175 7.06 -0.72 2.10
N VAL A 176 7.48 -1.94 2.42
CA VAL A 176 7.40 -2.50 3.77
C VAL A 176 8.83 -2.81 4.20
N MET A 177 9.39 -2.01 5.10
CA MET A 177 10.72 -2.26 5.65
C MET A 177 10.61 -3.16 6.87
N ILE A 178 11.40 -4.23 6.91
CA ILE A 178 11.31 -5.21 7.99
C ILE A 178 12.69 -5.43 8.59
N ASP A 179 12.81 -5.19 9.89
CA ASP A 179 13.93 -5.63 10.70
C ASP A 179 13.53 -6.96 11.31
N HIS A 180 13.84 -8.03 10.59
CA HIS A 180 13.38 -9.36 11.02
C HIS A 180 14.05 -9.78 12.31
N GLU A 181 15.27 -9.31 12.56
CA GLU A 181 15.96 -9.64 13.79
C GLU A 181 15.18 -9.15 15.02
N HIS A 182 14.53 -8.00 14.90
CA HIS A 182 13.72 -7.46 15.98
C HIS A 182 12.22 -7.57 15.72
N ARG A 183 11.82 -8.27 14.65
CA ARG A 183 10.42 -8.43 14.29
C ARG A 183 9.72 -7.07 14.22
N LYS A 184 10.38 -6.09 13.62
CA LYS A 184 9.92 -4.71 13.57
C LYS A 184 9.62 -4.33 12.13
N LEU A 185 8.46 -3.71 11.89
CA LEU A 185 7.97 -3.43 10.54
C LEU A 185 7.60 -1.95 10.42
N ARG A 186 7.94 -1.33 9.28
CA ARG A 186 7.53 0.05 8.99
C ARG A 186 6.99 0.16 7.56
N LEU A 187 5.86 0.84 7.43
CA LEU A 187 5.26 1.15 6.13
C LEU A 187 5.83 2.50 5.66
N ILE A 188 6.50 2.49 4.50
CA ILE A 188 7.23 3.67 4.03
C ILE A 188 6.66 4.24 2.73
N ASP A 189 7.30 5.29 2.24
CA ASP A 189 7.00 5.96 0.96
C ASP A 189 5.54 6.37 0.85
N TRP A 190 5.21 7.48 1.51
CA TRP A 190 3.87 8.04 1.51
C TRP A 190 3.71 9.09 0.41
N GLY A 191 4.55 9.03 -0.63
CA GLY A 191 4.53 10.01 -1.70
C GLY A 191 3.33 9.89 -2.63
N LEU A 192 2.67 8.74 -2.67
CA LEU A 192 1.43 8.60 -3.44
C LEU A 192 0.18 8.63 -2.57
N ALA A 193 0.32 8.73 -1.25
CA ALA A 193 -0.85 8.75 -0.37
C ALA A 193 -1.71 10.00 -0.60
N GLU A 194 -3.02 9.87 -0.33
CA GLU A 194 -3.97 10.96 -0.47
C GLU A 194 -4.97 10.93 0.67
N PHE A 195 -5.58 12.07 0.93
CA PHE A 195 -6.68 12.15 1.88
C PHE A 195 -7.95 11.65 1.21
N TYR A 196 -8.73 10.83 1.92
CA TYR A 196 -10.02 10.39 1.40
C TYR A 196 -11.12 11.42 1.71
N HIS A 197 -11.82 11.85 0.66
CA HIS A 197 -12.95 12.75 0.80
C HIS A 197 -14.11 12.12 0.03
N PRO A 198 -15.26 11.89 0.66
CA PRO A 198 -16.36 11.22 -0.03
C PRO A 198 -16.83 11.99 -1.25
N GLY A 199 -16.98 11.26 -2.37
CA GLY A 199 -17.37 11.86 -3.63
C GLY A 199 -16.23 12.32 -4.52
N GLN A 200 -15.02 12.43 -4.00
CA GLN A 200 -13.88 12.87 -4.80
C GLN A 200 -13.43 11.77 -5.75
N GLU A 201 -13.06 12.17 -6.96
CA GLU A 201 -12.51 11.26 -7.97
C GLU A 201 -10.99 11.34 -7.92
N TYR A 202 -10.34 10.17 -7.84
CA TYR A 202 -8.90 10.09 -7.67
C TYR A 202 -8.24 9.57 -8.94
N ASN A 203 -6.93 9.80 -9.03
CA ASN A 203 -6.17 9.35 -10.18
C ASN A 203 -5.97 7.83 -10.14
N VAL A 204 -6.10 7.18 -11.30
CA VAL A 204 -5.96 5.72 -11.35
C VAL A 204 -4.56 5.27 -11.74
N ARG A 205 -3.62 6.20 -11.98
CA ARG A 205 -2.27 5.81 -12.33
C ARG A 205 -1.43 5.37 -11.14
N VAL A 206 -1.99 5.40 -9.93
CA VAL A 206 -1.23 5.08 -8.73
C VAL A 206 -0.93 3.58 -8.68
N ALA A 207 0.04 3.23 -7.83
CA ALA A 207 0.46 1.86 -7.52
C ALA A 207 1.22 1.22 -8.67
N SER A 208 2.00 0.19 -8.38
CA SER A 208 2.68 -0.56 -9.42
C SER A 208 1.73 -1.61 -9.99
N ARG A 209 1.94 -1.94 -11.26
CA ARG A 209 0.98 -2.74 -12.02
C ARG A 209 0.52 -3.98 -11.25
N TYR A 210 1.45 -4.77 -10.71
CA TYR A 210 1.05 -6.06 -10.13
C TYR A 210 0.12 -5.89 -8.94
N PHE A 211 0.11 -4.71 -8.33
CA PHE A 211 -0.66 -4.47 -7.11
C PHE A 211 -1.85 -3.56 -7.34
N LYS A 212 -2.10 -3.13 -8.58
CA LYS A 212 -3.25 -2.28 -8.86
C LYS A 212 -4.56 -3.05 -8.69
N GLY A 213 -5.49 -2.48 -7.93
CA GLY A 213 -6.82 -3.04 -7.79
C GLY A 213 -7.64 -2.90 -9.06
N PRO A 214 -8.64 -3.76 -9.22
CA PRO A 214 -9.47 -3.71 -10.43
C PRO A 214 -10.11 -2.36 -10.67
N GLU A 215 -10.40 -1.60 -9.61
CA GLU A 215 -10.96 -0.27 -9.83
C GLU A 215 -9.99 0.61 -10.61
N LEU A 216 -8.68 0.49 -10.35
CA LEU A 216 -7.70 1.22 -11.15
C LEU A 216 -7.70 0.74 -12.58
N LEU A 217 -7.80 -0.58 -12.79
CA LEU A 217 -7.68 -1.19 -14.11
C LEU A 217 -8.90 -0.96 -15.00
N VAL A 218 -10.07 -0.63 -14.44
CA VAL A 218 -11.23 -0.30 -15.25
C VAL A 218 -11.52 1.20 -15.22
N ASP A 219 -10.61 2.00 -14.64
CA ASP A 219 -10.73 3.46 -14.63
C ASP A 219 -11.93 3.93 -13.80
N TYR A 220 -12.18 3.27 -12.67
CA TYR A 220 -13.21 3.72 -11.72
C TYR A 220 -12.53 4.62 -10.71
N GLN A 221 -12.86 5.91 -10.75
CA GLN A 221 -12.08 6.87 -9.99
C GLN A 221 -12.58 7.15 -8.58
N MET A 222 -13.83 6.83 -8.25
CA MET A 222 -14.35 7.14 -6.91
C MET A 222 -14.03 6.02 -5.92
N TYR A 223 -12.74 5.68 -5.80
CA TYR A 223 -12.29 4.59 -4.96
C TYR A 223 -11.93 5.11 -3.55
N ASP A 224 -11.53 4.21 -2.66
CA ASP A 224 -11.33 4.59 -1.26
C ASP A 224 -10.27 3.70 -0.62
N TYR A 225 -10.24 3.67 0.72
CA TYR A 225 -9.22 2.93 1.46
C TYR A 225 -9.12 1.48 1.04
N SER A 226 -10.22 0.91 0.55
CA SER A 226 -10.23 -0.50 0.21
C SER A 226 -9.26 -0.84 -0.91
N LEU A 227 -8.83 0.16 -1.68
CA LEU A 227 -7.74 -0.05 -2.65
C LEU A 227 -6.55 -0.72 -1.97
N ASP A 228 -6.16 -0.21 -0.80
CA ASP A 228 -5.02 -0.78 -0.07
C ASP A 228 -5.26 -2.22 0.34
N MET A 229 -6.53 -2.63 0.47
CA MET A 229 -6.80 -4.00 0.89
C MET A 229 -6.61 -4.98 -0.25
N TRP A 230 -6.82 -4.53 -1.50
CA TRP A 230 -6.48 -5.39 -2.64
C TRP A 230 -4.98 -5.61 -2.73
N SER A 231 -4.21 -4.52 -2.66
CA SER A 231 -2.75 -4.61 -2.66
C SER A 231 -2.27 -5.62 -1.63
N LEU A 232 -2.77 -5.49 -0.41
CA LEU A 232 -2.40 -6.41 0.66
C LEU A 232 -2.69 -7.86 0.26
N GLY A 233 -3.89 -8.10 -0.28
CA GLY A 233 -4.22 -9.42 -0.78
C GLY A 233 -3.21 -9.95 -1.78
N CYS A 234 -2.75 -9.08 -2.71
CA CYS A 234 -1.76 -9.51 -3.69
C CYS A 234 -0.46 -9.90 -3.01
N MET A 235 -0.08 -9.17 -1.96
CA MET A 235 1.13 -9.57 -1.25
C MET A 235 0.93 -10.91 -0.57
N LEU A 236 -0.24 -11.11 0.04
CA LEU A 236 -0.45 -12.35 0.80
C LEU A 236 -0.38 -13.55 -0.12
N ALA A 237 -1.09 -13.46 -1.25
CA ALA A 237 -1.07 -14.55 -2.22
C ALA A 237 0.35 -14.85 -2.67
N SER A 238 1.19 -13.83 -2.86
CA SER A 238 2.53 -14.14 -3.34
C SER A 238 3.33 -14.85 -2.26
N MET A 239 3.03 -14.58 -0.99
CA MET A 239 3.81 -15.17 0.09
C MET A 239 3.40 -16.61 0.38
N ILE A 240 2.09 -16.86 0.51
CA ILE A 240 1.67 -18.21 0.86
C ILE A 240 1.77 -19.19 -0.31
N PHE A 241 1.73 -18.71 -1.55
CA PHE A 241 1.87 -19.58 -2.72
C PHE A 241 3.27 -19.55 -3.32
N ARG A 242 4.14 -18.65 -2.85
CA ARG A 242 5.49 -18.48 -3.39
C ARG A 242 5.47 -18.32 -4.91
N LYS A 243 4.71 -17.30 -5.32
CA LYS A 243 4.61 -16.88 -6.70
C LYS A 243 4.71 -15.37 -6.69
N GLU A 244 5.80 -14.84 -7.20
CA GLU A 244 6.07 -13.40 -7.07
C GLU A 244 6.29 -12.80 -8.45
N PRO A 245 5.41 -11.92 -8.94
CA PRO A 245 4.17 -11.47 -8.31
C PRO A 245 3.09 -12.50 -8.53
N PHE A 246 1.98 -12.44 -7.78
CA PHE A 246 0.96 -13.45 -7.96
C PHE A 246 0.19 -13.22 -9.27
N PHE A 247 -0.25 -11.99 -9.52
CA PHE A 247 -0.87 -11.61 -10.79
C PHE A 247 0.19 -10.93 -11.65
N HIS A 248 0.73 -11.63 -12.65
CA HIS A 248 1.91 -11.17 -13.39
C HIS A 248 1.50 -10.59 -14.75
N GLY A 249 0.82 -9.45 -14.69
CA GLY A 249 0.40 -8.79 -15.92
C GLY A 249 1.57 -8.16 -16.66
N HIS A 250 1.51 -8.21 -17.99
CA HIS A 250 2.58 -7.66 -18.83
C HIS A 250 2.28 -6.27 -19.37
N ASP A 251 1.02 -5.86 -19.37
CA ASP A 251 0.64 -4.46 -19.55
C ASP A 251 -0.62 -4.25 -18.70
N ASN A 252 -1.19 -3.05 -18.76
CA ASN A 252 -2.29 -2.75 -17.85
C ASN A 252 -3.55 -3.57 -18.16
N TYR A 253 -3.82 -3.88 -19.43
CA TYR A 253 -4.95 -4.74 -19.75
C TYR A 253 -4.68 -6.20 -19.37
N ASP A 254 -3.45 -6.65 -19.60
CA ASP A 254 -3.10 -8.02 -19.22
C ASP A 254 -3.21 -8.24 -17.71
N GLN A 255 -3.01 -7.19 -16.91
CA GLN A 255 -3.14 -7.36 -15.46
C GLN A 255 -4.56 -7.79 -15.09
N LEU A 256 -5.56 -7.13 -15.69
CA LEU A 256 -6.95 -7.54 -15.45
C LEU A 256 -7.23 -8.91 -16.06
N VAL A 257 -6.63 -9.23 -17.21
CA VAL A 257 -6.81 -10.57 -17.76
C VAL A 257 -6.32 -11.63 -16.76
N ARG A 258 -5.12 -11.43 -16.21
CA ARG A 258 -4.58 -12.39 -15.26
C ARG A 258 -5.44 -12.49 -14.02
N ILE A 259 -5.99 -11.36 -13.56
CA ILE A 259 -6.92 -11.42 -12.42
C ILE A 259 -8.16 -12.22 -12.78
N ALA A 260 -8.74 -11.93 -13.96
CA ALA A 260 -9.96 -12.63 -14.39
C ALA A 260 -9.73 -14.13 -14.54
N LYS A 261 -8.52 -14.55 -14.92
CA LYS A 261 -8.26 -15.98 -15.06
C LYS A 261 -8.25 -16.71 -13.72
N VAL A 262 -8.11 -16.00 -12.61
CA VAL A 262 -8.18 -16.58 -11.28
C VAL A 262 -9.54 -16.39 -10.64
N LEU A 263 -10.02 -15.15 -10.57
CA LEU A 263 -11.29 -14.86 -9.92
C LEU A 263 -12.49 -15.12 -10.82
N GLY A 264 -12.28 -15.26 -12.12
CA GLY A 264 -13.38 -15.52 -13.03
C GLY A 264 -14.02 -14.24 -13.53
N THR A 265 -14.70 -14.35 -14.69
CA THR A 265 -15.28 -13.17 -15.31
C THR A 265 -16.71 -12.87 -14.86
N GLU A 266 -17.39 -13.83 -14.23
CA GLU A 266 -18.76 -13.59 -13.78
C GLU A 266 -18.81 -12.45 -12.75
N ASP A 267 -17.97 -12.54 -11.71
CA ASP A 267 -17.97 -11.49 -10.71
C ASP A 267 -17.42 -10.17 -11.27
N LEU A 268 -16.50 -10.24 -12.24
CA LEU A 268 -16.01 -9.02 -12.87
C LEU A 268 -17.14 -8.28 -13.59
N TYR A 269 -17.90 -9.01 -14.40
CA TYR A 269 -19.00 -8.39 -15.13
C TYR A 269 -20.10 -7.89 -14.21
N ASP A 270 -20.36 -8.60 -13.10
CA ASP A 270 -21.32 -8.09 -12.12
C ASP A 270 -20.81 -6.81 -11.48
N TYR A 271 -19.51 -6.73 -11.20
CA TYR A 271 -18.90 -5.51 -10.68
C TYR A 271 -19.06 -4.36 -11.65
N ILE A 272 -18.74 -4.60 -12.93
CA ILE A 272 -18.85 -3.54 -13.94
C ILE A 272 -20.30 -3.08 -14.07
N ASP A 273 -21.25 -4.00 -13.99
CA ASP A 273 -22.65 -3.61 -14.10
C ASP A 273 -23.10 -2.81 -12.88
N LYS A 274 -22.67 -3.22 -11.69
CA LYS A 274 -23.11 -2.56 -10.47
C LYS A 274 -22.82 -1.06 -10.50
N TYR A 275 -21.60 -0.69 -10.89
CA TYR A 275 -21.17 0.69 -10.85
C TYR A 275 -21.30 1.40 -12.20
N ASN A 276 -21.95 0.76 -13.17
CA ASN A 276 -22.15 1.33 -14.51
C ASN A 276 -20.83 1.78 -15.12
N ILE A 277 -19.86 0.89 -15.09
CA ILE A 277 -18.52 1.19 -15.57
C ILE A 277 -18.45 0.96 -17.07
N GLU A 278 -17.90 1.95 -17.79
CA GLU A 278 -17.76 1.92 -19.24
C GLU A 278 -16.46 1.18 -19.59
N LEU A 279 -16.58 -0.05 -20.06
CA LEU A 279 -15.45 -0.83 -20.50
C LEU A 279 -15.20 -0.62 -21.99
N ASP A 280 -13.94 -0.66 -22.40
CA ASP A 280 -13.65 -0.58 -23.83
C ASP A 280 -14.20 -1.84 -24.50
N PRO A 281 -14.92 -1.70 -25.61
CA PRO A 281 -15.57 -2.89 -26.21
C PRO A 281 -14.59 -3.95 -26.69
N ARG A 282 -13.48 -3.55 -27.30
CA ARG A 282 -12.48 -4.53 -27.71
C ARG A 282 -11.86 -5.21 -26.50
N PHE A 283 -11.60 -4.44 -25.44
CA PHE A 283 -11.15 -5.04 -24.19
C PHE A 283 -12.19 -6.00 -23.64
N ASN A 284 -13.46 -5.60 -23.63
CA ASN A 284 -14.51 -6.49 -23.15
C ASN A 284 -14.49 -7.79 -23.93
N ASP A 285 -14.32 -7.72 -25.25
CA ASP A 285 -14.19 -8.92 -26.07
C ASP A 285 -12.97 -9.74 -25.67
N ILE A 286 -11.87 -9.08 -25.33
CA ILE A 286 -10.63 -9.79 -25.02
C ILE A 286 -10.76 -10.55 -23.70
N LEU A 287 -11.34 -9.92 -22.69
CA LEU A 287 -11.54 -10.59 -21.41
C LEU A 287 -12.27 -11.92 -21.57
N GLY A 288 -13.26 -11.97 -22.46
CA GLY A 288 -13.93 -13.22 -22.74
C GLY A 288 -14.62 -13.80 -21.51
N ARG A 289 -14.50 -15.12 -21.37
CA ARG A 289 -15.17 -15.88 -20.33
C ARG A 289 -14.18 -16.83 -19.69
N HIS A 290 -13.95 -16.66 -18.38
CA HIS A 290 -13.06 -17.52 -17.60
C HIS A 290 -13.78 -17.92 -16.33
N SER A 291 -13.77 -19.21 -16.03
CA SER A 291 -14.32 -19.68 -14.76
C SER A 291 -13.39 -19.30 -13.63
N ARG A 292 -13.96 -19.13 -12.43
CA ARG A 292 -13.16 -18.93 -11.24
C ARG A 292 -12.34 -20.18 -10.95
N LYS A 293 -11.08 -19.98 -10.56
CA LYS A 293 -10.22 -21.07 -10.11
C LYS A 293 -10.26 -21.15 -8.59
N ARG A 294 -10.54 -22.33 -8.06
CA ARG A 294 -10.45 -22.54 -6.63
C ARG A 294 -9.01 -22.31 -6.15
N TRP A 295 -8.87 -21.68 -4.98
CA TRP A 295 -7.54 -21.30 -4.49
C TRP A 295 -6.63 -22.52 -4.34
N GLU A 296 -7.22 -23.70 -4.17
CA GLU A 296 -6.47 -24.94 -4.05
C GLU A 296 -5.60 -25.23 -5.27
N ARG A 297 -5.96 -24.68 -6.44
CA ARG A 297 -5.14 -24.91 -7.63
C ARG A 297 -3.72 -24.38 -7.46
N PHE A 298 -3.53 -23.38 -6.60
CA PHE A 298 -2.20 -22.77 -6.51
C PHE A 298 -1.32 -23.42 -5.46
N VAL A 299 -1.80 -24.45 -4.77
CA VAL A 299 -1.02 -25.17 -3.77
C VAL A 299 -0.22 -26.29 -4.43
N HIS A 300 1.02 -26.48 -3.98
CA HIS A 300 1.85 -27.58 -4.43
C HIS A 300 2.80 -27.96 -3.30
N SER A 301 3.64 -28.97 -3.54
CA SER A 301 4.47 -29.52 -2.46
C SER A 301 5.40 -28.47 -1.86
N GLU A 302 5.79 -27.46 -2.63
CA GLU A 302 6.75 -26.45 -2.17
C GLU A 302 6.13 -25.33 -1.34
N ASN A 303 4.82 -25.10 -1.43
CA ASN A 303 4.20 -24.04 -0.64
C ASN A 303 3.16 -24.55 0.36
N GLN A 304 2.93 -25.86 0.42
CA GLN A 304 1.82 -26.38 1.21
C GLN A 304 1.96 -26.07 2.69
N HIS A 305 3.18 -25.94 3.21
CA HIS A 305 3.38 -25.64 4.62
C HIS A 305 2.95 -24.22 4.98
N LEU A 306 2.71 -23.35 3.99
CA LEU A 306 2.22 -22.00 4.21
C LEU A 306 0.72 -21.86 4.05
N VAL A 307 0.02 -22.91 3.64
CA VAL A 307 -1.41 -22.83 3.33
C VAL A 307 -2.20 -23.47 4.47
N SER A 308 -3.32 -22.86 4.82
CA SER A 308 -4.26 -23.40 5.79
C SER A 308 -5.64 -22.92 5.41
N PRO A 309 -6.71 -23.60 5.85
CA PRO A 309 -8.06 -23.14 5.50
C PRO A 309 -8.32 -21.68 5.86
N GLU A 310 -7.83 -21.25 7.02
CA GLU A 310 -8.07 -19.86 7.41
C GLU A 310 -7.27 -18.89 6.54
N ALA A 311 -6.07 -19.28 6.10
CA ALA A 311 -5.32 -18.47 5.14
C ALA A 311 -6.12 -18.26 3.86
N LEU A 312 -6.70 -19.33 3.32
CA LEU A 312 -7.40 -19.23 2.04
C LEU A 312 -8.70 -18.45 2.19
N ASP A 313 -9.40 -18.63 3.31
CA ASP A 313 -10.61 -17.85 3.55
C ASP A 313 -10.29 -16.37 3.65
N PHE A 314 -9.22 -16.02 4.37
CA PHE A 314 -8.81 -14.63 4.48
C PHE A 314 -8.44 -14.06 3.11
N LEU A 315 -7.58 -14.77 2.37
CA LEU A 315 -7.20 -14.34 1.04
C LEU A 315 -8.43 -14.06 0.17
N ASP A 316 -9.34 -15.04 0.14
CA ASP A 316 -10.58 -14.93 -0.62
C ASP A 316 -11.37 -13.70 -0.24
N LYS A 317 -11.33 -13.30 1.03
CA LYS A 317 -12.09 -12.13 1.44
C LYS A 317 -11.33 -10.83 1.22
N LEU A 318 -10.06 -10.88 0.84
CA LEU A 318 -9.38 -9.66 0.40
C LEU A 318 -9.49 -9.45 -1.12
N LEU A 319 -9.40 -10.52 -1.89
CA LEU A 319 -9.29 -10.40 -3.34
C LEU A 319 -10.68 -10.55 -3.94
N ARG A 320 -11.47 -9.48 -3.80
CA ARG A 320 -12.80 -9.34 -4.39
C ARG A 320 -12.80 -8.17 -5.37
N TYR A 321 -13.51 -8.34 -6.50
CA TYR A 321 -13.60 -7.24 -7.46
C TYR A 321 -14.23 -6.01 -6.81
N ASP A 322 -15.41 -6.18 -6.22
CA ASP A 322 -16.13 -5.09 -5.60
C ASP A 322 -15.36 -4.58 -4.39
N HIS A 323 -14.89 -3.34 -4.47
CA HIS A 323 -14.11 -2.75 -3.39
C HIS A 323 -14.92 -2.63 -2.10
N GLN A 324 -16.24 -2.43 -2.22
CA GLN A 324 -17.10 -2.34 -1.04
C GLN A 324 -17.25 -3.69 -0.33
N SER A 325 -16.89 -4.78 -1.00
CA SER A 325 -17.03 -6.13 -0.45
C SER A 325 -15.78 -6.65 0.23
N ARG A 326 -14.61 -6.03 0.00
CA ARG A 326 -13.40 -6.48 0.65
C ARG A 326 -13.46 -6.19 2.16
N LEU A 327 -12.70 -6.98 2.92
CA LEU A 327 -12.58 -6.73 4.35
C LEU A 327 -11.94 -5.37 4.59
N THR A 328 -12.44 -4.64 5.58
CA THR A 328 -11.73 -3.48 6.08
C THR A 328 -10.49 -3.96 6.84
N ALA A 329 -9.57 -3.03 7.14
CA ALA A 329 -8.38 -3.45 7.86
C ALA A 329 -8.74 -4.01 9.23
N ARG A 330 -9.76 -3.44 9.87
CA ARG A 330 -10.15 -3.92 11.21
C ARG A 330 -10.82 -5.29 11.14
N GLU A 331 -11.72 -5.48 10.16
CA GLU A 331 -12.31 -6.81 9.98
C GLU A 331 -11.24 -7.84 9.70
N ALA A 332 -10.24 -7.45 8.90
CA ALA A 332 -9.14 -8.35 8.61
C ALA A 332 -8.38 -8.72 9.88
N MET A 333 -8.16 -7.74 10.76
CA MET A 333 -7.43 -8.01 11.99
C MET A 333 -8.19 -8.97 12.90
N GLU A 334 -9.50 -9.08 12.72
CA GLU A 334 -10.33 -9.97 13.50
C GLU A 334 -10.52 -11.34 12.86
N HIS A 335 -9.97 -11.56 11.67
CA HIS A 335 -10.09 -12.86 11.01
C HIS A 335 -9.32 -13.94 11.77
N PRO A 336 -9.85 -15.18 11.85
CA PRO A 336 -9.13 -16.28 12.53
C PRO A 336 -7.69 -16.50 12.10
N TYR A 337 -7.34 -16.11 10.87
CA TYR A 337 -5.97 -16.29 10.40
C TYR A 337 -4.97 -15.67 11.36
N PHE A 338 -5.40 -14.66 12.13
CA PHE A 338 -4.52 -13.97 13.06
C PHE A 338 -4.79 -14.32 14.52
N TYR A 339 -5.67 -15.27 14.80
CA TYR A 339 -6.10 -15.53 16.18
C TYR A 339 -4.92 -15.66 17.13
N THR A 340 -4.02 -16.61 16.84
CA THR A 340 -2.87 -16.82 17.73
C THR A 340 -1.93 -15.62 17.71
N VAL A 341 -1.74 -15.00 16.54
CA VAL A 341 -0.91 -13.79 16.48
C VAL A 341 -1.47 -12.73 17.41
N VAL A 342 -2.80 -12.63 17.53
CA VAL A 342 -3.35 -11.57 18.36
C VAL A 342 -2.99 -11.82 19.83
N LYS A 343 -2.87 -13.08 20.23
CA LYS A 343 -2.47 -13.39 21.60
C LYS A 343 -0.99 -13.13 21.85
N ASP A 344 -0.20 -12.86 20.80
CA ASP A 344 1.23 -12.68 20.94
C ASP A 344 1.59 -11.29 21.46
N GLN A 345 0.67 -10.32 21.38
CA GLN A 345 0.91 -8.98 21.90
C GLN A 345 -0.42 -8.27 22.19
C02 A1IKB B . 11.72 -4.98 1.53
C03 A1IKB B . 12.30 -4.41 0.23
C04 A1IKB B . 13.60 -3.62 0.43
C05 A1IKB B . 13.73 -2.40 -0.49
C06 A1IKB B . 15.04 -1.62 -0.25
C07 A1IKB B . 14.91 -0.10 -0.46
C08 A1IKB B . 16.14 0.68 0.04
C09 A1IKB B . 15.82 2.13 0.48
C11 A1IKB B . 15.19 3.06 2.76
C13 A1IKB B . 13.34 4.48 2.91
C14 A1IKB B . 12.32 5.20 2.25
C15 A1IKB B . 11.44 5.96 3.01
C16 A1IKB B . 10.31 6.71 2.32
C19 A1IKB B . 11.55 6.01 4.40
C20 A1IKB B . 12.55 5.28 5.04
C21 A1IKB B . 13.46 4.53 4.28
C22 A1IKB B . 14.50 3.78 4.93
C23 A1IKB B . 14.65 3.80 6.32
C25 A1IKB B . 16.48 2.39 6.17
C26 A1IKB B . 16.40 2.33 4.79
C27 A1IKB B . 15.37 3.05 4.15
N10 A1IKB B . 16.10 2.28 1.91
N12 A1IKB B . 14.21 3.75 2.18
N24 A1IKB B . 15.63 3.11 6.89
N28 A1IKB B . 12.49 -4.99 2.75
O01 A1IKB B . 10.62 -5.43 1.54
O17 A1IKB B . 10.32 6.91 1.08
O18 A1IKB B . 9.34 7.10 3.03
O29 A1IKB B . 11.94 -5.51 3.94
CL CL C . -10.64 -24.94 -10.09
CL CL D . -9.97 0.07 6.54
#